data_2LP9
#
_entry.id   2LP9
#
_entity_poly.entity_id   1
_entity_poly.type   'polyribonucleotide'
_entity_poly.pdbx_seq_one_letter_code
;GAGGACAUAGAUCUUC
;
_entity_poly.pdbx_strand_id   A
#
loop_
_chem_comp.id
_chem_comp.type
_chem_comp.name
_chem_comp.formula
A RNA linking ADENOSINE-5'-MONOPHOSPHATE 'C10 H14 N5 O7 P'
C RNA linking CYTIDINE-5'-MONOPHOSPHATE 'C9 H14 N3 O8 P'
G RNA linking GUANOSINE-5'-MONOPHOSPHATE 'C10 H14 N5 O8 P'
U RNA linking URIDINE-5'-MONOPHOSPHATE 'C9 H13 N2 O9 P'
#